data_1E59
#
_entry.id   1E59
#
_cell.length_a   61.249
_cell.length_b   112.142
_cell.length_c   40.948
_cell.angle_alpha   90.00
_cell.angle_beta   90.00
_cell.angle_gamma   90.00
#
_symmetry.space_group_name_H-M   'P 21 21 2'
#
loop_
_entity.id
_entity.type
_entity.pdbx_description
1 polymer 'PHOSPHOGLYCERATE MUTASE'
2 non-polymer TETRAMETAVANADATE
3 non-polymer 'CHLORIDE ION'
4 water water
#
_entity_poly.entity_id   1
_entity_poly.type   'polypeptide(L)'
_entity_poly.pdbx_seq_one_letter_code
;AVTKLVLVRHGESQWNKENRFTGWYDVDLSEKGVSEAKAAGKLLKEEGYSFDFAYTSVLKRAIHTLWNVLDELDQAWLPV
EKSWKLNERHYGALQGLNKAETAEKYGDEQVKQWRRGFAVTPPELTKDDERYPGHDPRYAKLSEKELPLTESLALTIDRV
IPYWNETILPRMKSGERVIIAAHGNSLRALVKYLDNMSEEEILELNIPTGVPLVYEFDENFKPLKRYYLGNADEIAAKAA
AVANQGKAK
;
_entity_poly.pdbx_strand_id   A
#
# COMPACT_ATOMS: atom_id res chain seq x y z
N VAL A 2 -6.42 -2.53 24.92
CA VAL A 2 -6.26 -1.86 23.63
C VAL A 2 -5.09 -2.43 22.81
N THR A 3 -5.37 -2.92 21.61
CA THR A 3 -4.43 -3.47 20.68
C THR A 3 -4.05 -2.41 19.63
N LYS A 4 -2.80 -2.27 19.27
CA LYS A 4 -2.32 -1.36 18.27
C LYS A 4 -1.89 -2.08 16.99
N LEU A 5 -2.17 -1.45 15.86
CA LEU A 5 -1.75 -1.84 14.53
C LEU A 5 -0.94 -0.70 13.94
N VAL A 6 0.16 -0.92 13.25
CA VAL A 6 0.89 0.16 12.58
C VAL A 6 0.91 -0.13 11.07
N LEU A 7 0.53 0.90 10.30
CA LEU A 7 0.61 0.93 8.86
C LEU A 7 1.73 1.87 8.38
N VAL A 8 2.44 1.48 7.32
CA VAL A 8 3.42 2.39 6.73
C VAL A 8 3.33 2.23 5.21
N ARG A 9 3.16 3.38 4.54
CA ARG A 9 3.20 3.43 3.07
C ARG A 9 4.67 3.60 2.66
N HIS A 10 5.13 2.87 1.63
CA HIS A 10 6.52 3.14 1.19
C HIS A 10 6.69 4.53 0.62
N GLY A 11 7.96 4.99 0.54
CA GLY A 11 8.31 6.27 -0.02
C GLY A 11 8.63 6.25 -1.50
N GLU A 12 9.32 7.30 -1.92
CA GLU A 12 9.55 7.54 -3.33
C GLU A 12 10.21 6.36 -4.05
N SER A 13 9.67 5.94 -5.19
CA SER A 13 10.25 4.96 -6.10
C SER A 13 10.91 5.67 -7.27
N GLN A 14 11.70 4.93 -8.03
CA GLN A 14 12.25 5.60 -9.20
C GLN A 14 11.17 6.01 -10.21
N TRP A 15 10.06 5.27 -10.27
CA TRP A 15 9.01 5.66 -11.20
C TRP A 15 8.17 6.81 -10.69
N ASN A 16 8.07 7.02 -9.39
CA ASN A 16 7.52 8.27 -8.87
C ASN A 16 8.35 9.47 -9.33
N LYS A 17 9.67 9.38 -9.37
CA LYS A 17 10.50 10.48 -9.86
C LYS A 17 10.31 10.70 -11.36
N GLU A 18 10.05 9.60 -12.08
CA GLU A 18 9.78 9.75 -13.51
C GLU A 18 8.31 10.06 -13.77
N ASN A 19 7.45 10.17 -12.76
CA ASN A 19 6.01 10.47 -12.93
C ASN A 19 5.29 9.45 -13.80
N ARG A 20 5.51 8.15 -13.54
CA ARG A 20 4.95 7.06 -14.31
C ARG A 20 3.92 6.27 -13.53
N PHE A 21 2.85 5.83 -14.19
CA PHE A 21 1.88 4.94 -13.50
C PHE A 21 2.61 3.65 -13.18
N THR A 22 2.52 3.19 -11.92
CA THR A 22 3.37 2.04 -11.56
C THR A 22 2.57 0.75 -11.40
N GLY A 23 1.61 0.73 -10.51
CA GLY A 23 0.81 -0.49 -10.33
C GLY A 23 1.67 -1.67 -9.88
N TRP A 24 1.54 -2.81 -10.54
CA TRP A 24 2.32 -4.01 -10.15
C TRP A 24 3.73 -4.01 -10.74
N TYR A 25 4.11 -3.05 -11.56
CA TYR A 25 5.50 -2.99 -12.01
C TYR A 25 6.44 -2.92 -10.80
N ASP A 26 7.47 -3.80 -10.78
CA ASP A 26 8.24 -3.95 -9.54
C ASP A 26 9.47 -3.06 -9.48
N VAL A 27 9.26 -1.76 -9.43
CA VAL A 27 10.29 -0.73 -9.42
C VAL A 27 10.90 -0.57 -8.03
N ASP A 28 12.18 -0.19 -7.95
CA ASP A 28 12.75 -0.01 -6.60
C ASP A 28 12.56 1.40 -6.04
N LEU A 29 12.76 1.49 -4.72
CA LEU A 29 12.83 2.75 -4.02
C LEU A 29 13.98 3.60 -4.60
N SER A 30 13.81 4.92 -4.64
CA SER A 30 14.96 5.81 -4.78
C SER A 30 15.75 5.92 -3.47
N GLU A 31 16.93 6.52 -3.55
CA GLU A 31 17.67 6.80 -2.29
C GLU A 31 16.81 7.58 -1.32
N LYS A 32 15.99 8.51 -1.78
CA LYS A 32 15.10 9.24 -0.93
C LYS A 32 14.06 8.33 -0.30
N GLY A 33 13.51 7.38 -1.04
CA GLY A 33 12.51 6.45 -0.42
C GLY A 33 13.22 5.52 0.56
N VAL A 34 14.47 5.12 0.37
CA VAL A 34 15.20 4.35 1.39
C VAL A 34 15.34 5.20 2.66
N SER A 35 15.71 6.48 2.54
CA SER A 35 15.86 7.34 3.70
C SER A 35 14.52 7.48 4.45
N GLU A 36 13.40 7.60 3.72
CA GLU A 36 12.10 7.69 4.38
C GLU A 36 11.82 6.43 5.20
N ALA A 37 12.16 5.25 4.64
CA ALA A 37 11.93 4.01 5.41
C ALA A 37 12.75 3.99 6.68
N LYS A 38 14.04 4.37 6.58
CA LYS A 38 14.88 4.36 7.75
C LYS A 38 14.36 5.37 8.78
N ALA A 39 13.93 6.55 8.34
CA ALA A 39 13.43 7.56 9.30
C ALA A 39 12.19 7.07 10.04
N ALA A 40 11.28 6.38 9.31
CA ALA A 40 10.07 5.83 9.93
C ALA A 40 10.41 4.78 10.98
N GLY A 41 11.40 3.92 10.69
CA GLY A 41 11.79 2.91 11.69
C GLY A 41 12.43 3.54 12.91
N LYS A 42 13.31 4.53 12.71
CA LYS A 42 13.93 5.19 13.88
C LYS A 42 12.86 5.87 14.73
N LEU A 43 11.86 6.48 14.08
CA LEU A 43 10.83 7.16 14.82
C LEU A 43 9.99 6.17 15.62
N LEU A 44 9.68 5.02 15.00
CA LEU A 44 8.97 3.98 15.73
C LEU A 44 9.77 3.53 16.95
N LYS A 45 11.08 3.33 16.83
CA LYS A 45 11.91 2.94 17.98
C LYS A 45 11.82 3.97 19.09
N GLU A 46 12.07 5.23 18.67
CA GLU A 46 12.05 6.31 19.68
C GLU A 46 10.71 6.48 20.35
N GLU A 47 9.62 6.19 19.66
CA GLU A 47 8.30 6.29 20.30
C GLU A 47 7.93 5.01 21.03
N GLY A 48 8.82 4.03 21.14
CA GLY A 48 8.65 2.85 21.96
C GLY A 48 7.90 1.68 21.33
N TYR A 49 7.77 1.62 20.01
CA TYR A 49 7.02 0.57 19.32
C TYR A 49 7.92 -0.63 19.03
N SER A 50 7.39 -1.83 19.24
CA SER A 50 8.05 -3.02 18.69
C SER A 50 6.95 -3.98 18.27
N PHE A 51 7.27 -5.06 17.54
CA PHE A 51 6.28 -5.89 16.89
C PHE A 51 6.52 -7.38 17.12
N ASP A 52 5.54 -8.19 16.78
CA ASP A 52 5.62 -9.64 16.82
C ASP A 52 5.52 -10.24 15.42
N PHE A 53 4.98 -9.54 14.45
CA PHE A 53 4.79 -10.12 13.11
C PHE A 53 4.67 -9.01 12.07
N ALA A 54 5.13 -9.21 10.85
CA ALA A 54 4.97 -8.18 9.80
C ALA A 54 4.37 -8.76 8.52
N TYR A 55 3.47 -7.96 7.90
CA TYR A 55 2.93 -8.27 6.58
C TYR A 55 3.43 -7.25 5.58
N THR A 56 3.69 -7.68 4.35
CA THR A 56 3.96 -6.77 3.25
C THR A 56 3.50 -7.41 1.94
N SER A 57 3.73 -6.70 0.81
CA SER A 57 3.35 -7.21 -0.49
C SER A 57 4.48 -8.06 -1.09
N VAL A 58 4.40 -8.36 -2.38
CA VAL A 58 5.49 -9.04 -3.08
C VAL A 58 6.25 -8.03 -3.95
N LEU A 59 6.03 -6.73 -3.78
CA LEU A 59 6.72 -5.69 -4.56
C LEU A 59 7.86 -5.11 -3.73
N LYS A 60 9.05 -5.04 -4.32
CA LYS A 60 10.25 -4.74 -3.55
C LYS A 60 10.23 -3.34 -2.95
N ARG A 61 9.50 -2.39 -3.54
CA ARG A 61 9.53 -1.05 -2.88
C ARG A 61 8.88 -1.12 -1.49
N ALA A 62 7.87 -2.03 -1.30
CA ALA A 62 7.30 -2.23 0.03
C ALA A 62 8.20 -3.15 0.89
N ILE A 63 8.68 -4.24 0.28
CA ILE A 63 9.52 -5.16 1.05
C ILE A 63 10.76 -4.45 1.62
N HIS A 64 11.44 -3.69 0.77
CA HIS A 64 12.60 -2.94 1.22
C HIS A 64 12.27 -1.87 2.25
N THR A 65 11.05 -1.28 2.18
CA THR A 65 10.64 -0.39 3.25
C THR A 65 10.59 -1.15 4.56
N LEU A 66 9.93 -2.32 4.55
CA LEU A 66 9.84 -3.13 5.76
C LEU A 66 11.22 -3.53 6.28
N TRP A 67 12.12 -4.01 5.41
CA TRP A 67 13.46 -4.43 5.85
C TRP A 67 14.19 -3.28 6.54
N ASN A 68 14.12 -2.06 5.96
CA ASN A 68 14.78 -0.92 6.61
C ASN A 68 14.15 -0.57 7.93
N VAL A 69 12.82 -0.64 8.03
CA VAL A 69 12.14 -0.35 9.31
C VAL A 69 12.56 -1.36 10.34
N LEU A 70 12.57 -2.65 9.96
CA LEU A 70 12.95 -3.69 10.93
C LEU A 70 14.38 -3.52 11.40
N ASP A 71 15.28 -3.13 10.49
CA ASP A 71 16.68 -2.90 10.94
C ASP A 71 16.73 -1.80 12.01
N GLU A 72 16.01 -0.69 11.81
CA GLU A 72 16.06 0.43 12.80
C GLU A 72 15.48 -0.01 14.12
N LEU A 73 14.52 -0.94 14.12
CA LEU A 73 13.97 -1.52 15.34
C LEU A 73 14.78 -2.65 15.96
N ASP A 74 15.87 -3.05 15.30
CA ASP A 74 16.60 -4.25 15.72
C ASP A 74 15.67 -5.46 15.80
N GLN A 75 14.81 -5.58 14.79
CA GLN A 75 13.92 -6.73 14.65
C GLN A 75 13.97 -7.36 13.27
N ALA A 76 15.18 -7.47 12.71
CA ALA A 76 15.32 -8.13 11.41
C ALA A 76 14.91 -9.61 11.46
N TRP A 77 14.93 -10.18 12.69
CA TRP A 77 14.55 -11.57 12.94
C TRP A 77 13.03 -11.79 12.93
N LEU A 78 12.24 -10.69 12.82
CA LEU A 78 10.79 -10.87 12.92
C LEU A 78 10.21 -11.77 11.84
N PRO A 79 9.20 -12.60 12.15
CA PRO A 79 8.51 -13.32 11.09
C PRO A 79 7.81 -12.35 10.10
N VAL A 80 7.96 -12.62 8.81
CA VAL A 80 7.43 -11.79 7.73
C VAL A 80 6.57 -12.64 6.82
N GLU A 81 5.38 -12.16 6.45
CA GLU A 81 4.61 -12.78 5.38
C GLU A 81 4.47 -11.81 4.21
N LYS A 82 4.80 -12.22 2.99
CA LYS A 82 4.75 -11.37 1.79
C LYS A 82 3.60 -11.87 0.92
N SER A 83 2.57 -11.02 0.72
CA SER A 83 1.39 -11.47 -0.02
C SER A 83 1.04 -10.56 -1.18
N TRP A 84 0.80 -11.13 -2.34
CA TRP A 84 0.30 -10.38 -3.50
C TRP A 84 -1.00 -9.66 -3.17
N LYS A 85 -1.76 -10.17 -2.19
CA LYS A 85 -3.05 -9.51 -1.86
C LYS A 85 -2.85 -8.11 -1.28
N LEU A 86 -1.65 -7.72 -0.83
CA LEU A 86 -1.35 -6.36 -0.38
C LEU A 86 -0.69 -5.53 -1.48
N ASN A 87 -0.56 -6.08 -2.69
CA ASN A 87 0.02 -5.30 -3.80
C ASN A 87 -0.74 -4.01 -4.06
N GLU A 88 -0.03 -3.01 -4.59
CA GLU A 88 -0.64 -1.79 -5.16
C GLU A 88 -1.76 -2.17 -6.13
N ARG A 89 -2.71 -1.27 -6.36
CA ARG A 89 -3.67 -1.42 -7.46
C ARG A 89 -2.93 -1.65 -8.79
N HIS A 90 -3.45 -2.61 -9.57
CA HIS A 90 -2.90 -2.86 -10.89
C HIS A 90 -3.36 -1.80 -11.91
N TYR A 91 -2.46 -1.18 -12.68
CA TYR A 91 -2.87 -0.05 -13.53
C TYR A 91 -3.16 -0.43 -14.97
N GLY A 92 -3.29 -1.72 -15.27
CA GLY A 92 -3.66 -2.15 -16.62
C GLY A 92 -2.64 -1.64 -17.64
N ALA A 93 -3.16 -1.30 -18.84
CA ALA A 93 -2.30 -0.81 -19.90
C ALA A 93 -1.66 0.53 -19.58
N LEU A 94 -2.00 1.21 -18.48
CA LEU A 94 -1.33 2.47 -18.22
C LEU A 94 0.06 2.26 -17.58
N GLN A 95 0.32 1.04 -17.11
CA GLN A 95 1.59 0.78 -16.39
C GLN A 95 2.82 1.14 -17.23
N GLY A 96 3.65 2.03 -16.71
CA GLY A 96 4.85 2.50 -17.41
C GLY A 96 4.63 3.81 -18.14
N LEU A 97 3.38 4.22 -18.40
CA LEU A 97 3.22 5.49 -19.13
C LEU A 97 3.46 6.69 -18.23
N ASN A 98 3.86 7.81 -18.85
CA ASN A 98 4.03 9.04 -18.12
C ASN A 98 2.69 9.69 -17.81
N LYS A 99 2.44 10.11 -16.57
CA LYS A 99 1.10 10.62 -16.21
C LYS A 99 0.82 11.95 -16.92
N ALA A 100 1.84 12.82 -17.03
CA ALA A 100 1.57 14.13 -17.65
C ALA A 100 1.36 13.94 -19.14
N GLU A 101 2.12 13.06 -19.79
CA GLU A 101 1.96 12.84 -21.22
C GLU A 101 0.59 12.25 -21.50
N THR A 102 0.15 11.37 -20.60
CA THR A 102 -1.14 10.69 -20.74
C THR A 102 -2.27 11.73 -20.62
N ALA A 103 -2.16 12.64 -19.64
CA ALA A 103 -3.18 13.67 -19.47
C ALA A 103 -3.24 14.56 -20.71
N GLU A 104 -2.06 14.85 -21.32
CA GLU A 104 -2.06 15.65 -22.54
C GLU A 104 -2.76 14.92 -23.66
N LYS A 105 -2.47 13.64 -23.85
CA LYS A 105 -3.00 12.94 -25.02
C LYS A 105 -4.47 12.54 -24.93
N TYR A 106 -4.92 12.26 -23.71
CA TYR A 106 -6.29 11.78 -23.55
C TYR A 106 -7.19 12.75 -22.76
N GLY A 107 -6.58 13.78 -22.17
CA GLY A 107 -7.37 14.76 -21.45
C GLY A 107 -7.19 14.64 -19.94
N ASP A 108 -7.22 15.76 -19.25
CA ASP A 108 -7.05 15.79 -17.82
C ASP A 108 -8.17 15.08 -17.08
N GLU A 109 -9.43 15.32 -17.49
CA GLU A 109 -10.59 14.68 -16.84
C GLU A 109 -10.51 13.17 -17.01
N GLN A 110 -10.15 12.67 -18.20
CA GLN A 110 -10.08 11.23 -18.42
C GLN A 110 -9.04 10.62 -17.48
N VAL A 111 -7.89 11.29 -17.29
CA VAL A 111 -6.89 10.71 -16.37
C VAL A 111 -7.41 10.77 -14.93
N LYS A 112 -8.12 11.82 -14.55
CA LYS A 112 -8.69 11.87 -13.22
C LYS A 112 -9.65 10.70 -12.99
N GLN A 113 -10.44 10.34 -13.99
CA GLN A 113 -11.31 9.16 -13.84
C GLN A 113 -10.52 7.86 -13.76
N TRP A 114 -9.52 7.68 -14.65
CA TRP A 114 -8.69 6.48 -14.60
C TRP A 114 -7.97 6.33 -13.25
N ARG A 115 -7.50 7.45 -12.64
CA ARG A 115 -6.80 7.40 -11.38
C ARG A 115 -7.71 7.22 -10.17
N ARG A 116 -8.87 7.90 -10.14
CA ARG A 116 -9.61 8.00 -8.89
C ARG A 116 -11.10 7.72 -9.01
N GLY A 117 -11.69 7.43 -10.21
CA GLY A 117 -13.12 7.05 -10.14
C GLY A 117 -13.23 5.74 -9.38
N PHE A 118 -14.05 5.71 -8.33
CA PHE A 118 -14.02 4.56 -7.43
C PHE A 118 -14.04 3.18 -8.06
N ALA A 119 -14.95 2.94 -9.00
CA ALA A 119 -15.06 1.67 -9.72
C ALA A 119 -14.65 1.80 -11.17
N VAL A 120 -14.03 2.91 -11.54
CA VAL A 120 -13.53 3.06 -12.94
C VAL A 120 -12.26 2.27 -13.17
N THR A 121 -12.20 1.46 -14.22
CA THR A 121 -10.99 0.64 -14.44
C THR A 121 -10.10 1.29 -15.49
N PRO A 122 -8.79 1.37 -15.26
CA PRO A 122 -7.86 1.76 -16.33
C PRO A 122 -8.05 0.81 -17.51
N PRO A 123 -7.68 1.22 -18.73
CA PRO A 123 -7.72 0.34 -19.90
C PRO A 123 -6.95 -0.95 -19.61
N GLU A 124 -7.46 -2.08 -20.07
CA GLU A 124 -7.03 -3.43 -19.79
C GLU A 124 -5.81 -3.90 -20.57
N LEU A 125 -4.97 -4.70 -19.89
CA LEU A 125 -3.99 -5.46 -20.66
C LEU A 125 -4.64 -6.61 -21.41
N THR A 126 -3.96 -7.25 -22.35
CA THR A 126 -4.28 -8.59 -22.85
C THR A 126 -3.35 -9.59 -22.17
N LYS A 127 -3.74 -10.87 -22.12
CA LYS A 127 -2.83 -11.85 -21.49
C LYS A 127 -1.52 -12.03 -22.25
N ASP A 128 -1.43 -11.64 -23.53
CA ASP A 128 -0.16 -11.82 -24.24
C ASP A 128 0.79 -10.66 -23.95
N ASP A 129 0.33 -9.57 -23.30
CA ASP A 129 1.23 -8.45 -23.06
C ASP A 129 2.37 -8.83 -22.13
N GLU A 130 3.56 -8.30 -22.35
CA GLU A 130 4.70 -8.59 -21.49
C GLU A 130 4.44 -8.29 -20.01
N ARG A 131 3.52 -7.36 -19.75
CA ARG A 131 3.21 -6.90 -18.39
C ARG A 131 2.15 -7.76 -17.71
N TYR A 132 1.53 -8.72 -18.42
CA TYR A 132 0.54 -9.57 -17.74
C TYR A 132 1.15 -10.27 -16.52
N PRO A 133 0.60 -10.16 -15.35
CA PRO A 133 1.21 -10.85 -14.19
C PRO A 133 1.36 -12.35 -14.37
N GLY A 134 0.56 -12.99 -15.20
CA GLY A 134 0.67 -14.45 -15.38
C GLY A 134 2.06 -14.90 -15.81
N HIS A 135 2.89 -14.07 -16.41
CA HIS A 135 4.21 -14.47 -16.86
C HIS A 135 5.25 -14.45 -15.76
N ASP A 136 4.97 -13.86 -14.64
CA ASP A 136 5.94 -13.62 -13.57
C ASP A 136 5.91 -14.72 -12.53
N PRO A 137 7.06 -15.31 -12.20
CA PRO A 137 7.08 -16.50 -11.32
C PRO A 137 6.47 -16.24 -9.96
N ARG A 138 6.43 -14.99 -9.53
CA ARG A 138 5.90 -14.89 -8.16
C ARG A 138 4.39 -15.03 -8.09
N TYR A 139 3.71 -15.07 -9.24
CA TYR A 139 2.25 -15.26 -9.24
C TYR A 139 1.88 -16.65 -9.73
N ALA A 140 2.78 -17.64 -9.64
CA ALA A 140 2.59 -18.97 -10.22
C ALA A 140 1.34 -19.61 -9.69
N LYS A 141 0.94 -19.26 -8.48
CA LYS A 141 -0.11 -20.03 -7.84
C LYS A 141 -1.46 -19.35 -8.09
N LEU A 142 -1.47 -18.15 -8.67
CA LEU A 142 -2.71 -17.45 -8.94
C LEU A 142 -3.54 -18.05 -10.07
N SER A 143 -4.86 -17.99 -9.94
CA SER A 143 -5.81 -18.33 -11.00
C SER A 143 -6.01 -17.19 -11.99
N GLU A 144 -6.56 -17.50 -13.17
CA GLU A 144 -6.85 -16.51 -14.17
C GLU A 144 -7.63 -15.34 -13.59
N LYS A 145 -8.61 -15.73 -12.80
CA LYS A 145 -9.49 -14.78 -12.11
C LYS A 145 -8.72 -13.92 -11.13
N GLU A 146 -7.62 -14.47 -10.58
CA GLU A 146 -6.88 -13.69 -9.57
C GLU A 146 -5.82 -12.79 -10.25
N LEU A 147 -5.30 -13.21 -11.39
CA LEU A 147 -4.35 -12.43 -12.17
C LEU A 147 -5.05 -11.22 -12.78
N PRO A 148 -4.74 -9.98 -12.40
CA PRO A 148 -5.49 -8.84 -12.94
C PRO A 148 -5.09 -8.40 -14.34
N LEU A 149 -6.06 -7.96 -15.16
CA LEU A 149 -5.76 -7.22 -16.39
C LEU A 149 -5.77 -5.70 -16.17
N THR A 150 -6.30 -5.28 -15.03
CA THR A 150 -6.62 -3.92 -14.60
C THR A 150 -7.29 -3.96 -13.24
N GLU A 151 -7.16 -2.89 -12.46
CA GLU A 151 -7.92 -2.75 -11.23
C GLU A 151 -8.31 -1.30 -10.95
N SER A 152 -9.55 -1.15 -10.44
CA SER A 152 -10.03 0.07 -9.80
C SER A 152 -9.76 -0.01 -8.31
N LEU A 153 -10.01 1.05 -7.55
CA LEU A 153 -10.00 0.92 -6.07
C LEU A 153 -11.01 -0.10 -5.63
N ALA A 154 -12.17 -0.13 -6.28
CA ALA A 154 -13.17 -1.12 -5.88
C ALA A 154 -12.65 -2.54 -5.96
N LEU A 155 -11.96 -2.86 -7.04
CA LEU A 155 -11.43 -4.24 -7.20
C LEU A 155 -10.29 -4.48 -6.24
N THR A 156 -9.50 -3.45 -5.91
CA THR A 156 -8.41 -3.57 -4.91
C THR A 156 -9.00 -3.92 -3.54
N ILE A 157 -10.10 -3.25 -3.18
CA ILE A 157 -10.82 -3.53 -1.95
C ILE A 157 -11.27 -4.99 -1.90
N ASP A 158 -11.79 -5.46 -3.02
CA ASP A 158 -12.28 -6.83 -3.10
C ASP A 158 -11.19 -7.85 -2.77
N ARG A 159 -9.90 -7.49 -2.90
CA ARG A 159 -8.87 -8.49 -2.57
C ARG A 159 -8.15 -8.16 -1.27
N VAL A 160 -8.01 -6.88 -0.91
CA VAL A 160 -7.34 -6.55 0.34
C VAL A 160 -8.23 -6.88 1.53
N ILE A 161 -9.50 -6.58 1.55
CA ILE A 161 -10.30 -6.75 2.78
C ILE A 161 -10.46 -8.19 3.19
N PRO A 162 -10.71 -9.13 2.31
CA PRO A 162 -10.74 -10.53 2.79
C PRO A 162 -9.43 -10.98 3.41
N TYR A 163 -8.29 -10.47 2.92
CA TYR A 163 -6.98 -10.89 3.48
C TYR A 163 -6.86 -10.34 4.88
N TRP A 164 -7.31 -9.10 5.06
CA TRP A 164 -7.42 -8.53 6.39
C TRP A 164 -8.30 -9.42 7.26
N ASN A 165 -9.50 -9.76 6.78
CA ASN A 165 -10.41 -10.51 7.63
C ASN A 165 -10.00 -11.99 7.82
N GLU A 166 -9.42 -12.66 6.84
CA GLU A 166 -9.12 -14.09 6.84
C GLU A 166 -7.78 -14.35 7.55
N THR A 167 -6.86 -13.37 7.52
CA THR A 167 -5.46 -13.63 7.88
C THR A 167 -4.92 -12.62 8.88
N ILE A 168 -4.94 -11.33 8.57
CA ILE A 168 -4.26 -10.38 9.46
C ILE A 168 -5.01 -10.17 10.77
N LEU A 169 -6.34 -9.90 10.65
CA LEU A 169 -7.08 -9.62 11.90
C LEU A 169 -7.05 -10.83 12.83
N PRO A 170 -7.27 -12.07 12.42
CA PRO A 170 -7.15 -13.23 13.36
C PRO A 170 -5.82 -13.26 14.08
N ARG A 171 -4.71 -12.94 13.37
CA ARG A 171 -3.42 -12.89 14.07
C ARG A 171 -3.38 -11.82 15.16
N MET A 172 -3.86 -10.61 14.91
CA MET A 172 -3.99 -9.58 15.93
C MET A 172 -4.85 -10.06 17.10
N LYS A 173 -5.98 -10.72 16.81
CA LYS A 173 -6.83 -11.18 17.92
C LYS A 173 -6.09 -12.14 18.84
N SER A 174 -5.01 -12.76 18.38
CA SER A 174 -4.27 -13.79 19.11
C SER A 174 -3.23 -13.16 20.02
N GLY A 175 -3.18 -11.84 19.96
CA GLY A 175 -2.35 -11.01 20.84
C GLY A 175 -1.06 -10.56 20.19
N GLU A 176 -0.90 -10.76 18.87
CA GLU A 176 0.36 -10.37 18.26
C GLU A 176 0.32 -8.94 17.76
N ARG A 177 1.44 -8.25 17.97
CA ARG A 177 1.54 -6.86 17.51
C ARG A 177 1.98 -6.84 16.06
N VAL A 178 1.15 -6.30 15.18
CA VAL A 178 1.37 -6.37 13.73
C VAL A 178 1.79 -5.02 13.15
N ILE A 179 2.68 -5.10 12.17
CA ILE A 179 3.02 -3.97 11.28
C ILE A 179 2.71 -4.39 9.87
N ILE A 180 2.13 -3.49 9.06
CA ILE A 180 1.91 -3.69 7.63
C ILE A 180 2.68 -2.62 6.83
N ALA A 181 3.54 -3.05 5.92
CA ALA A 181 4.20 -2.11 5.01
C ALA A 181 3.63 -2.34 3.61
N ALA A 182 2.96 -1.31 3.05
CA ALA A 182 2.30 -1.54 1.77
C ALA A 182 2.22 -0.29 0.93
N HIS A 183 1.16 -0.12 0.15
CA HIS A 183 1.12 0.79 -0.98
C HIS A 183 -0.04 1.77 -0.89
N GLY A 184 0.02 2.84 -1.69
CA GLY A 184 -1.03 3.86 -1.64
C GLY A 184 -2.43 3.33 -1.72
N ASN A 185 -2.75 2.52 -2.75
CA ASN A 185 -4.17 2.17 -2.89
C ASN A 185 -4.52 0.92 -2.12
N SER A 186 -3.57 0.01 -1.81
CA SER A 186 -3.97 -1.09 -0.92
C SER A 186 -4.16 -0.55 0.49
N LEU A 187 -3.44 0.52 0.91
CA LEU A 187 -3.74 1.11 2.22
C LEU A 187 -4.98 2.00 2.12
N ARG A 188 -5.28 2.68 1.03
CA ARG A 188 -6.57 3.41 0.95
C ARG A 188 -7.69 2.40 1.08
N ALA A 189 -7.57 1.21 0.50
CA ALA A 189 -8.61 0.19 0.61
C ALA A 189 -8.85 -0.17 2.08
N LEU A 190 -7.73 -0.46 2.79
CA LEU A 190 -7.86 -0.88 4.18
C LEU A 190 -8.42 0.24 5.06
N VAL A 191 -7.95 1.47 4.90
CA VAL A 191 -8.42 2.59 5.71
C VAL A 191 -9.88 2.90 5.42
N LYS A 192 -10.32 2.79 4.16
CA LYS A 192 -11.75 2.99 3.84
C LYS A 192 -12.59 2.06 4.71
N TYR A 193 -12.18 0.81 4.77
CA TYR A 193 -12.90 -0.23 5.53
C TYR A 193 -12.86 0.04 7.04
N LEU A 194 -11.66 0.29 7.58
CA LEU A 194 -11.57 0.50 9.03
C LEU A 194 -12.26 1.78 9.49
N ASP A 195 -12.26 2.83 8.66
CA ASP A 195 -12.82 4.09 9.03
C ASP A 195 -14.28 4.24 8.54
N ASN A 196 -14.88 3.21 7.97
CA ASN A 196 -16.27 3.26 7.46
C ASN A 196 -16.48 4.46 6.57
N MET A 197 -15.58 4.65 5.60
CA MET A 197 -15.72 5.82 4.72
C MET A 197 -16.57 5.54 3.49
N SER A 198 -17.24 6.58 3.00
CA SER A 198 -17.97 6.53 1.75
C SER A 198 -17.06 6.65 0.54
N GLU A 199 -17.63 6.46 -0.66
CA GLU A 199 -16.87 6.61 -1.88
C GLU A 199 -16.38 8.07 -2.02
N GLU A 200 -17.27 8.99 -1.63
CA GLU A 200 -16.93 10.40 -1.78
C GLU A 200 -15.81 10.79 -0.84
N GLU A 201 -15.78 10.19 0.36
CA GLU A 201 -14.76 10.47 1.33
C GLU A 201 -13.42 9.87 0.94
N ILE A 202 -13.43 8.61 0.48
CA ILE A 202 -12.14 8.02 0.18
C ILE A 202 -11.52 8.71 -1.05
N LEU A 203 -12.33 9.33 -1.90
CA LEU A 203 -11.81 10.00 -3.12
C LEU A 203 -10.71 10.98 -2.73
N GLU A 204 -10.86 11.66 -1.60
CA GLU A 204 -9.96 12.71 -1.20
C GLU A 204 -8.74 12.23 -0.44
N LEU A 205 -8.79 10.99 0.04
CA LEU A 205 -7.76 10.55 1.00
C LEU A 205 -6.49 10.10 0.29
N ASN A 206 -5.34 10.59 0.71
CA ASN A 206 -4.07 10.09 0.21
C ASN A 206 -3.22 9.89 1.48
N ILE A 207 -2.71 8.68 1.66
CA ILE A 207 -1.96 8.43 2.90
C ILE A 207 -0.54 8.96 2.70
N PRO A 208 0.03 9.76 3.61
CA PRO A 208 1.36 10.30 3.40
C PRO A 208 2.41 9.19 3.39
N THR A 209 3.45 9.33 2.54
CA THR A 209 4.46 8.31 2.46
C THR A 209 5.42 8.36 3.66
N GLY A 210 5.86 7.16 4.08
CA GLY A 210 6.92 7.10 5.10
C GLY A 210 6.50 7.60 6.46
N VAL A 211 5.23 7.55 6.79
CA VAL A 211 4.66 8.08 8.02
C VAL A 211 3.95 6.97 8.77
N PRO A 212 4.37 6.59 9.96
CA PRO A 212 3.61 5.56 10.69
C PRO A 212 2.18 6.02 11.00
N LEU A 213 1.21 5.20 10.64
CA LEU A 213 -0.22 5.46 10.93
C LEU A 213 -0.63 4.39 11.94
N VAL A 214 -0.97 4.77 13.16
CA VAL A 214 -1.26 3.87 14.27
C VAL A 214 -2.76 3.77 14.50
N TYR A 215 -3.29 2.57 14.50
CA TYR A 215 -4.69 2.32 14.88
C TYR A 215 -4.73 1.71 16.28
N GLU A 216 -5.69 2.17 17.08
CA GLU A 216 -6.02 1.56 18.35
C GLU A 216 -7.35 0.81 18.21
N PHE A 217 -7.42 -0.42 18.68
CA PHE A 217 -8.60 -1.28 18.68
C PHE A 217 -9.06 -1.67 20.09
N ASP A 218 -10.39 -1.66 20.27
CA ASP A 218 -10.95 -2.03 21.56
C ASP A 218 -10.96 -3.54 21.71
N GLU A 219 -11.62 -3.90 22.83
CA GLU A 219 -11.61 -5.31 23.22
C GLU A 219 -12.40 -6.11 22.22
N ASN A 220 -13.25 -5.45 21.44
CA ASN A 220 -14.02 -6.18 20.44
C ASN A 220 -13.40 -6.02 19.06
N PHE A 221 -12.21 -5.46 19.03
CA PHE A 221 -11.52 -5.10 17.78
C PHE A 221 -12.32 -4.16 16.89
N LYS A 222 -13.11 -3.28 17.51
CA LYS A 222 -13.62 -2.10 16.79
C LYS A 222 -12.57 -1.00 16.86
N PRO A 223 -12.25 -0.30 15.78
CA PRO A 223 -11.28 0.80 15.87
C PRO A 223 -11.80 1.89 16.80
N LEU A 224 -10.92 2.31 17.69
CA LEU A 224 -11.19 3.42 18.60
C LEU A 224 -10.62 4.76 18.15
N LYS A 225 -9.40 4.78 17.61
CA LYS A 225 -8.77 6.02 17.15
C LYS A 225 -7.59 5.68 16.24
N ARG A 226 -7.17 6.68 15.47
CA ARG A 226 -5.99 6.46 14.61
C ARG A 226 -5.21 7.77 14.52
N TYR A 227 -3.90 7.69 14.44
CA TYR A 227 -3.10 8.92 14.45
C TYR A 227 -1.78 8.73 13.75
N TYR A 228 -1.13 9.79 13.27
CA TYR A 228 0.18 9.72 12.66
C TYR A 228 1.30 9.98 13.65
N LEU A 229 2.44 9.33 13.47
CA LEU A 229 3.63 9.68 14.25
C LEU A 229 4.56 10.57 13.46
N GLY A 230 5.09 11.61 14.10
CA GLY A 230 6.07 12.45 13.40
C GLY A 230 5.74 13.93 13.52
N ASN A 231 6.41 14.73 12.70
CA ASN A 231 6.28 16.19 12.67
C ASN A 231 4.99 16.57 11.96
N ALA A 232 4.03 17.19 12.64
CA ALA A 232 2.71 17.44 12.03
C ALA A 232 2.74 18.27 10.77
N ASP A 233 3.50 19.37 10.72
CA ASP A 233 3.52 20.17 9.50
C ASP A 233 4.09 19.43 8.28
N GLU A 234 5.12 18.62 8.51
CA GLU A 234 5.73 17.83 7.44
C GLU A 234 4.73 16.79 6.94
N ILE A 235 4.10 16.09 7.91
CA ILE A 235 3.12 15.07 7.50
C ILE A 235 1.93 15.64 6.74
N ALA A 236 1.34 16.73 7.22
CA ALA A 236 0.13 17.27 6.60
C ALA A 236 0.39 17.82 5.20
N ALA A 237 1.58 18.39 5.03
CA ALA A 237 2.00 18.81 3.70
C ALA A 237 2.10 17.59 2.79
N LYS A 238 2.76 16.50 3.25
CA LYS A 238 2.94 15.30 2.45
C LYS A 238 1.63 14.63 2.07
N ALA A 239 0.61 14.83 2.92
CA ALA A 239 -0.68 14.22 2.65
C ALA A 239 -1.43 14.93 1.54
N ALA A 240 -1.06 16.14 1.14
CA ALA A 240 -1.84 16.92 0.16
C ALA A 240 -1.83 16.31 -1.25
#